data_3CXW
#
_entry.id   3CXW
#
_cell.length_a   98.371
_cell.length_b   98.371
_cell.length_c   81.332
_cell.angle_alpha   90.000
_cell.angle_beta   90.000
_cell.angle_gamma   120.000
#
_symmetry.space_group_name_H-M   'P 65'
#
loop_
_entity.id
_entity.type
_entity.pdbx_description
1 polymer 'Proto-oncogene serine/threonine-protein kinase Pim-1, Isoform 2'
2 polymer 'Pimtide peptide'
3 non-polymer 'CHLORIDE ION'
4 non-polymer "(4R)-7,8-dichloro-1',9-dimethyl-1-oxo-1,2,4,9-tetrahydrospiro[beta-carboline-3,4'-piperidine]-4-carbonitrile"
5 water water
#
loop_
_entity_poly.entity_id
_entity_poly.type
_entity_poly.pdbx_seq_one_letter_code
_entity_poly.pdbx_strand_id
1 'polypeptide(L)'
;SMLLSKINSLAHLRAAPCNDLHATKLAPGKEKEPLESQYQVGPLLGSGGFGSVYSGIRVSDNLPVAIKHVEKDRISDWGE
LPNGTRVPMEVVLLKKVSSGFSGVIRLLDWFERPDSFVLILERPEPVQDLFDFITERGALQEELARSFFWQVLEAVRHCH
NCGVLHRDIKDENILIDLNRGELKLIDFGSGALLKDTVYTDFDGTRVYSPPEWIRYHRYHGRSAAVWSLGILLYDMVCGD
IPFEHDEEIIGGQVFFRQRVSSECQHLIRWCLALRPSDRPTFEEIQNHPWMQDVLLPQETAEIHLHSLSPGPSK
;
A
2 'polypeptide(L)' ARKRRRHPSGPPTA B
#
# COMPACT_ATOMS: atom_id res chain seq x y z
N PRO A 34 3.85 11.99 -27.68
CA PRO A 34 4.87 10.96 -27.88
C PRO A 34 5.72 10.71 -26.63
N LEU A 35 5.66 9.48 -26.10
CA LEU A 35 6.29 9.12 -24.81
C LEU A 35 7.79 9.42 -24.74
N GLU A 36 8.54 8.88 -25.71
CA GLU A 36 10.00 8.96 -25.68
C GLU A 36 10.53 10.41 -25.84
N SER A 37 9.71 11.33 -26.35
CA SER A 37 10.07 12.76 -26.42
C SER A 37 9.99 13.49 -25.05
N GLN A 38 8.90 13.25 -24.31
CA GLN A 38 8.57 14.05 -23.11
C GLN A 38 9.29 13.66 -21.81
N TYR A 39 9.86 12.46 -21.72
CA TYR A 39 10.58 12.02 -20.48
C TYR A 39 12.00 11.53 -20.74
N GLN A 40 12.91 11.99 -19.89
CA GLN A 40 14.26 11.44 -19.81
C GLN A 40 14.24 10.26 -18.83
N VAL A 41 14.53 9.08 -19.35
CA VAL A 41 14.55 7.86 -18.57
C VAL A 41 15.85 7.77 -17.80
N GLY A 42 15.78 7.43 -16.52
CA GLY A 42 16.97 7.12 -15.75
C GLY A 42 16.96 5.67 -15.34
N PRO A 43 17.59 5.37 -14.19
CA PRO A 43 17.76 4.01 -13.70
C PRO A 43 16.48 3.24 -13.38
N LEU A 44 16.52 1.94 -13.65
CA LEU A 44 15.54 0.98 -13.22
C LEU A 44 15.40 1.09 -11.71
N LEU A 45 14.18 1.34 -11.23
CA LEU A 45 13.86 1.36 -9.79
C LEU A 45 13.35 0.00 -9.27
N GLY A 46 12.74 -0.81 -10.11
CA GLY A 46 12.25 -2.11 -9.69
C GLY A 46 11.58 -2.86 -10.82
N SER A 47 11.40 -4.16 -10.62
CA SER A 47 10.66 -5.00 -11.55
C SER A 47 10.15 -6.24 -10.85
N GLY A 48 9.14 -6.85 -11.45
CA GLY A 48 8.67 -8.14 -11.00
C GLY A 48 7.55 -8.61 -11.89
N GLY A 49 6.60 -9.34 -11.30
CA GLY A 49 5.44 -9.84 -12.05
C GLY A 49 4.78 -8.76 -12.89
N PHE A 50 4.50 -7.64 -12.21
CA PHE A 50 3.83 -6.47 -12.79
C PHE A 50 4.43 -5.92 -14.07
N GLY A 51 5.76 -5.95 -14.18
CA GLY A 51 6.51 -5.23 -15.19
C GLY A 51 7.74 -4.57 -14.58
N SER A 52 8.07 -3.35 -15.04
CA SER A 52 9.33 -2.68 -14.69
C SER A 52 9.09 -1.23 -14.49
N VAL A 53 9.79 -0.63 -13.53
CA VAL A 53 9.62 0.84 -13.28
C VAL A 53 10.97 1.52 -13.24
N TYR A 54 11.06 2.70 -13.87
CA TYR A 54 12.30 3.45 -14.05
C TYR A 54 12.17 4.82 -13.41
N SER A 55 13.29 5.37 -12.95
CA SER A 55 13.35 6.76 -12.54
C SER A 55 13.27 7.54 -13.83
N GLY A 56 12.59 8.69 -13.80
CA GLY A 56 12.55 9.57 -14.95
C GLY A 56 12.36 11.02 -14.57
N ILE A 57 12.51 11.89 -15.54
CA ILE A 57 12.28 13.29 -15.32
C ILE A 57 11.47 13.76 -16.49
N ARG A 58 10.48 14.60 -16.23
CA ARG A 58 9.75 15.24 -17.31
C ARG A 58 10.61 16.37 -17.87
N VAL A 59 10.90 16.28 -19.16
CA VAL A 59 11.76 17.25 -19.84
C VAL A 59 11.17 18.63 -19.74
N SER A 60 9.84 18.69 -19.87
CA SER A 60 9.07 19.96 -19.87
C SER A 60 9.40 20.87 -18.68
N ASP A 61 9.59 20.28 -17.49
CA ASP A 61 9.89 21.08 -16.28
C ASP A 61 10.77 20.40 -15.21
N ASN A 62 11.47 19.32 -15.57
CA ASN A 62 12.31 18.53 -14.63
C ASN A 62 11.60 17.82 -13.47
N LEU A 63 10.27 17.70 -13.53
CA LEU A 63 9.56 17.06 -12.46
C LEU A 63 9.99 15.59 -12.39
N PRO A 64 10.39 15.13 -11.20
CA PRO A 64 10.66 13.70 -11.06
C PRO A 64 9.41 12.86 -11.24
N VAL A 65 9.59 11.75 -11.93
CA VAL A 65 8.52 10.83 -12.24
C VAL A 65 9.05 9.41 -12.16
N ALA A 66 8.11 8.48 -12.05
CA ALA A 66 8.39 7.05 -12.18
C ALA A 66 7.70 6.63 -13.48
N ILE A 67 8.42 5.90 -14.31
CA ILE A 67 7.91 5.42 -15.57
C ILE A 67 7.68 3.91 -15.45
N LYS A 68 6.41 3.49 -15.43
CA LYS A 68 6.01 2.11 -15.12
C LYS A 68 5.49 1.44 -16.40
N HIS A 69 6.14 0.36 -16.77
CA HIS A 69 5.85 -0.41 -17.95
C HIS A 69 5.13 -1.67 -17.51
N VAL A 70 3.88 -1.79 -17.93
CA VAL A 70 3.05 -2.97 -17.65
C VAL A 70 2.79 -3.73 -18.96
N GLU A 71 3.25 -4.98 -19.01
CA GLU A 71 3.00 -5.85 -20.14
C GLU A 71 1.54 -6.24 -20.29
N LYS A 72 1.03 -6.16 -21.52
CA LYS A 72 -0.37 -6.46 -21.79
C LYS A 72 -0.72 -7.90 -21.42
N ASP A 73 0.23 -8.80 -21.64
CA ASP A 73 0.09 -10.23 -21.33
C ASP A 73 -0.18 -10.50 -19.84
N ARG A 74 0.25 -9.61 -18.97
CA ARG A 74 0.03 -9.81 -17.54
C ARG A 74 -1.14 -8.96 -16.99
N ILE A 75 -1.74 -8.11 -17.82
CA ILE A 75 -2.94 -7.36 -17.38
C ILE A 75 -4.11 -8.31 -17.41
N SER A 76 -4.63 -8.60 -16.22
CA SER A 76 -5.78 -9.51 -16.03
C SER A 76 -7.10 -8.78 -16.11
N ASP A 77 -7.16 -7.63 -15.43
CA ASP A 77 -8.37 -6.84 -15.28
C ASP A 77 -8.32 -5.56 -16.11
N TRP A 78 -9.35 -5.37 -16.92
CA TRP A 78 -9.41 -4.26 -17.86
C TRP A 78 -10.61 -3.40 -17.54
N GLY A 79 -10.46 -2.10 -17.73
CA GLY A 79 -11.55 -1.13 -17.59
C GLY A 79 -11.75 -0.35 -18.87
N GLU A 80 -12.66 0.60 -18.81
CA GLU A 80 -13.04 1.40 -19.98
C GLU A 80 -13.10 2.87 -19.59
N LEU A 81 -12.29 3.70 -20.25
CA LEU A 81 -12.38 5.15 -20.11
C LEU A 81 -13.43 5.71 -21.10
N PRO A 82 -14.29 6.64 -20.64
CA PRO A 82 -15.34 7.17 -21.52
C PRO A 82 -14.79 7.84 -22.77
N THR A 85 -12.00 4.08 -24.21
CA THR A 85 -10.83 3.29 -24.54
C THR A 85 -10.71 2.09 -23.59
N ARG A 86 -10.09 1.01 -24.07
CA ARG A 86 -9.81 -0.16 -23.24
C ARG A 86 -8.45 0.03 -22.56
N VAL A 87 -8.47 0.19 -21.23
CA VAL A 87 -7.25 0.35 -20.46
C VAL A 87 -7.20 -0.70 -19.35
N PRO A 88 -6.00 -0.92 -18.79
CA PRO A 88 -5.87 -1.69 -17.55
C PRO A 88 -6.77 -1.13 -16.46
N MET A 89 -7.38 -2.00 -15.67
CA MET A 89 -8.09 -1.52 -14.52
C MET A 89 -7.22 -0.61 -13.65
N GLU A 90 -5.92 -0.90 -13.56
CA GLU A 90 -5.00 -0.04 -12.81
C GLU A 90 -5.13 1.46 -13.20
N VAL A 91 -5.27 1.72 -14.50
CA VAL A 91 -5.35 3.09 -15.02
C VAL A 91 -6.67 3.73 -14.59
N VAL A 92 -7.76 2.96 -14.68
CA VAL A 92 -9.06 3.41 -14.21
C VAL A 92 -9.04 3.79 -12.73
N LEU A 93 -8.48 2.92 -11.91
CA LEU A 93 -8.44 3.13 -10.45
C LEU A 93 -7.58 4.35 -10.12
N LEU A 94 -6.41 4.45 -10.77
CA LEU A 94 -5.50 5.57 -10.57
C LEU A 94 -6.15 6.90 -10.93
N LYS A 95 -6.89 6.93 -12.02
CA LYS A 95 -7.60 8.15 -12.43
C LYS A 95 -8.67 8.52 -11.41
N LYS A 96 -9.36 7.51 -10.87
CA LYS A 96 -10.38 7.74 -9.84
C LYS A 96 -9.82 8.34 -8.56
N VAL A 97 -8.59 7.96 -8.16
CA VAL A 97 -7.97 8.49 -6.94
C VAL A 97 -7.02 9.71 -7.15
N SER A 98 -6.84 10.09 -8.42
CA SER A 98 -6.02 11.20 -8.84
C SER A 98 -6.52 12.51 -8.23
N SER A 99 -5.63 13.26 -7.59
CA SER A 99 -6.03 14.53 -6.93
C SER A 99 -4.82 15.21 -6.28
N GLY A 100 -5.07 16.35 -5.64
CA GLY A 100 -4.03 17.10 -4.92
C GLY A 100 -3.65 16.53 -3.56
N PHE A 101 -4.44 15.56 -3.09
CA PHE A 101 -4.14 14.82 -1.89
C PHE A 101 -2.95 13.91 -2.09
N SER A 102 -1.92 14.15 -1.30
CA SER A 102 -0.62 13.54 -1.49
C SER A 102 -0.62 12.08 -1.07
N GLY A 103 -1.65 11.60 -0.36
CA GLY A 103 -1.55 10.30 0.30
C GLY A 103 -1.50 9.12 -0.66
N VAL A 104 -1.91 9.35 -1.90
CA VAL A 104 -1.94 8.37 -2.95
C VAL A 104 -1.09 8.87 -4.13
N ILE A 105 -0.32 7.97 -4.71
CA ILE A 105 0.46 8.26 -5.93
C ILE A 105 -0.47 8.87 -6.98
N ARG A 106 0.02 9.91 -7.66
CA ARG A 106 -0.72 10.55 -8.75
C ARG A 106 -0.24 10.03 -10.12
N LEU A 107 -1.19 9.56 -10.95
CA LEU A 107 -0.94 9.30 -12.35
C LEU A 107 -0.93 10.61 -13.13
N LEU A 108 0.21 10.94 -13.74
CA LEU A 108 0.35 12.18 -14.48
C LEU A 108 -0.04 11.97 -15.94
N ASP A 109 0.21 10.78 -16.46
CA ASP A 109 -0.07 10.48 -17.86
C ASP A 109 0.07 8.98 -18.10
N TRP A 110 -0.41 8.51 -19.24
CA TRP A 110 -0.24 7.11 -19.63
C TRP A 110 -0.28 7.00 -21.13
N PHE A 111 0.30 5.91 -21.64
CA PHE A 111 0.51 5.68 -23.05
C PHE A 111 0.28 4.22 -23.37
N GLU A 112 -0.13 3.94 -24.60
CA GLU A 112 -0.25 2.55 -25.02
C GLU A 112 0.83 2.24 -26.04
N ARG A 113 1.42 1.06 -25.91
CA ARG A 113 2.34 0.57 -26.93
C ARG A 113 1.81 -0.78 -27.41
N PRO A 114 2.46 -1.37 -28.45
CA PRO A 114 1.96 -2.63 -28.96
C PRO A 114 1.79 -3.71 -27.93
N ASP A 115 2.74 -3.84 -26.99
CA ASP A 115 2.69 -4.96 -26.04
C ASP A 115 2.63 -4.52 -24.61
N SER A 116 2.56 -3.21 -24.40
CA SER A 116 2.51 -2.70 -23.04
C SER A 116 1.71 -1.42 -22.94
N PHE A 117 1.44 -1.07 -21.69
CA PHE A 117 1.10 0.28 -21.28
C PHE A 117 2.23 0.88 -20.48
N VAL A 118 2.48 2.17 -20.69
CA VAL A 118 3.43 2.90 -19.89
C VAL A 118 2.65 3.93 -19.03
N LEU A 119 2.85 3.87 -17.72
CA LEU A 119 2.19 4.80 -16.78
C LEU A 119 3.24 5.75 -16.19
N ILE A 120 2.94 7.06 -16.20
CA ILE A 120 3.84 8.08 -15.64
C ILE A 120 3.26 8.48 -14.29
N LEU A 121 4.05 8.24 -13.24
CA LEU A 121 3.64 8.49 -11.88
C LEU A 121 4.52 9.57 -11.30
N GLU A 122 4.00 10.34 -10.36
CA GLU A 122 4.80 11.40 -9.75
C GLU A 122 5.77 10.68 -8.81
N ARG A 123 6.97 11.20 -8.65
CA ARG A 123 7.95 10.52 -7.81
C ARG A 123 8.42 11.49 -6.72
N PRO A 124 8.23 11.12 -5.44
CA PRO A 124 8.87 11.85 -4.35
C PRO A 124 10.40 11.70 -4.39
N GLU A 125 11.09 12.74 -3.94
CA GLU A 125 12.55 12.75 -3.94
C GLU A 125 13.00 13.60 -2.75
N PRO A 126 13.81 13.03 -1.82
CA PRO A 126 14.20 11.63 -1.67
C PRO A 126 13.09 10.75 -1.11
N VAL A 127 13.15 9.48 -1.48
CA VAL A 127 12.15 8.49 -1.15
C VAL A 127 12.81 7.17 -0.71
N GLN A 128 12.10 6.44 0.13
CA GLN A 128 12.40 5.05 0.46
C GLN A 128 11.04 4.35 0.68
N ASP A 129 10.90 3.11 0.20
CA ASP A 129 9.71 2.34 0.47
C ASP A 129 9.71 1.85 1.92
N LEU A 130 8.50 1.61 2.46
CA LEU A 130 8.38 1.26 3.85
C LEU A 130 8.97 -0.10 4.20
N PHE A 131 9.04 -0.99 3.20
CA PHE A 131 9.70 -2.28 3.38
C PHE A 131 11.19 -2.10 3.73
N ASP A 132 11.91 -1.38 2.87
CA ASP A 132 13.33 -1.11 3.12
C ASP A 132 13.57 -0.32 4.37
N PHE A 133 12.68 0.63 4.65
CA PHE A 133 12.83 1.44 5.85
C PHE A 133 12.76 0.55 7.11
N ILE A 134 11.77 -0.35 7.16
CA ILE A 134 11.65 -1.29 8.31
C ILE A 134 12.81 -2.31 8.37
N THR A 135 13.18 -2.87 7.24
CA THR A 135 14.36 -3.73 7.19
C THR A 135 15.59 -3.07 7.81
N GLU A 136 15.85 -1.81 7.43
CA GLU A 136 17.05 -1.07 7.86
C GLU A 136 16.95 -0.59 9.28
N ARG A 137 15.78 -0.12 9.70
CA ARG A 137 15.62 0.47 11.04
C ARG A 137 15.13 -0.48 12.10
N GLY A 138 14.64 -1.64 11.68
CA GLY A 138 13.94 -2.56 12.56
C GLY A 138 12.56 -2.05 12.96
N ALA A 139 12.12 -2.57 14.11
CA ALA A 139 10.86 -2.24 14.76
C ALA A 139 10.82 -0.73 15.06
N LEU A 140 9.72 -0.11 14.63
CA LEU A 140 9.57 1.33 14.72
C LEU A 140 9.04 1.70 16.09
N GLN A 141 9.59 2.77 16.66
CA GLN A 141 8.96 3.42 17.81
C GLN A 141 7.47 3.67 17.55
N GLU A 142 6.66 3.44 18.57
CA GLU A 142 5.20 3.56 18.43
C GLU A 142 4.74 4.94 17.94
N GLU A 143 5.49 5.98 18.29
CA GLU A 143 5.16 7.34 17.85
C GLU A 143 5.33 7.45 16.34
N LEU A 144 6.36 6.78 15.82
CA LEU A 144 6.61 6.74 14.38
C LEU A 144 5.59 5.86 13.68
N ALA A 145 5.36 4.65 14.21
CA ALA A 145 4.36 3.75 13.69
C ALA A 145 2.95 4.42 13.68
N ARG A 146 2.62 5.18 14.71
CA ARG A 146 1.33 5.87 14.81
C ARG A 146 1.17 6.90 13.67
N SER A 147 2.20 7.73 13.46
CA SER A 147 2.21 8.72 12.39
C SER A 147 2.05 8.06 11.03
N PHE A 148 2.84 7.01 10.78
CA PHE A 148 2.75 6.31 9.50
C PHE A 148 1.38 5.64 9.31
N PHE A 149 0.90 4.94 10.34
CA PHE A 149 -0.29 4.17 10.23
C PHE A 149 -1.51 5.08 10.01
N TRP A 150 -1.52 6.22 10.69
CA TRP A 150 -2.57 7.22 10.51
C TRP A 150 -2.64 7.72 9.08
N GLN A 151 -1.45 7.99 8.52
CA GLN A 151 -1.35 8.48 7.15
C GLN A 151 -1.82 7.41 6.14
N VAL A 152 -1.57 6.12 6.42
CA VAL A 152 -2.04 5.05 5.55
C VAL A 152 -3.57 4.97 5.63
N LEU A 153 -4.11 5.05 6.83
CA LEU A 153 -5.54 5.12 7.03
C LEU A 153 -6.19 6.23 6.20
N GLU A 154 -5.67 7.44 6.32
CA GLU A 154 -6.16 8.57 5.51
C GLU A 154 -6.14 8.31 4.01
N ALA A 155 -5.04 7.70 3.52
CA ALA A 155 -4.88 7.35 2.09
C ALA A 155 -5.88 6.27 1.64
N VAL A 156 -6.07 5.26 2.49
CA VAL A 156 -7.04 4.21 2.17
C VAL A 156 -8.49 4.74 2.21
N ARG A 157 -8.81 5.57 3.20
CA ARG A 157 -10.10 6.29 3.23
C ARG A 157 -10.33 7.07 1.94
N HIS A 158 -9.29 7.78 1.47
CA HIS A 158 -9.35 8.49 0.21
C HIS A 158 -9.71 7.55 -0.96
N CYS A 159 -9.06 6.40 -1.03
CA CYS A 159 -9.37 5.42 -2.09
C CYS A 159 -10.83 4.96 -2.02
N HIS A 160 -11.28 4.57 -0.83
CA HIS A 160 -12.64 4.04 -0.64
C HIS A 160 -13.68 5.09 -0.97
N ASN A 161 -13.42 6.32 -0.58
CA ASN A 161 -14.31 7.41 -0.91
C ASN A 161 -14.29 7.80 -2.39
N CYS A 162 -13.22 7.47 -3.09
CA CYS A 162 -13.17 7.58 -4.55
C CYS A 162 -13.69 6.33 -5.28
N GLY A 163 -14.20 5.35 -4.54
CA GLY A 163 -14.79 4.11 -5.08
C GLY A 163 -13.78 3.05 -5.50
N VAL A 164 -12.58 3.13 -4.93
CA VAL A 164 -11.47 2.25 -5.28
C VAL A 164 -11.05 1.41 -4.05
N LEU A 165 -10.95 0.11 -4.24
CA LEU A 165 -10.44 -0.83 -3.25
C LEU A 165 -9.03 -1.22 -3.70
N HIS A 166 -8.04 -1.03 -2.84
CA HIS A 166 -6.63 -1.26 -3.22
C HIS A 166 -6.23 -2.76 -3.36
N ARG A 167 -6.56 -3.57 -2.36
CA ARG A 167 -6.33 -5.01 -2.33
C ARG A 167 -4.86 -5.48 -2.28
N ASP A 168 -3.94 -4.58 -2.02
CA ASP A 168 -2.55 -4.95 -1.79
C ASP A 168 -1.81 -3.99 -0.87
N ILE A 169 -2.46 -3.64 0.24
CA ILE A 169 -1.86 -2.77 1.22
C ILE A 169 -0.78 -3.60 1.90
N LYS A 170 0.45 -3.11 1.82
CA LYS A 170 1.63 -3.68 2.47
C LYS A 170 2.73 -2.65 2.47
N ASP A 171 3.73 -2.85 3.34
CA ASP A 171 4.92 -1.95 3.38
C ASP A 171 5.66 -1.72 2.05
N GLU A 172 5.74 -2.76 1.21
CA GLU A 172 6.31 -2.64 -0.14
C GLU A 172 5.58 -1.66 -1.03
N ASN A 173 4.28 -1.40 -0.77
CA ASN A 173 3.47 -0.53 -1.58
C ASN A 173 3.18 0.82 -0.93
N ILE A 174 4.12 1.26 -0.07
CA ILE A 174 4.08 2.57 0.60
C ILE A 174 5.47 3.24 0.48
N LEU A 175 5.47 4.46 -0.06
CA LEU A 175 6.66 5.26 -0.17
C LEU A 175 6.66 6.32 0.91
N ILE A 176 7.83 6.58 1.46
CA ILE A 176 8.06 7.62 2.42
C ILE A 176 8.80 8.74 1.72
N ASP A 177 8.16 9.92 1.64
CA ASP A 177 8.83 11.17 1.30
C ASP A 177 9.68 11.54 2.53
N LEU A 178 10.97 11.28 2.45
CA LEU A 178 11.82 11.31 3.63
C LEU A 178 12.08 12.75 4.13
N ASN A 179 11.84 13.73 3.27
CA ASN A 179 11.98 15.14 3.64
C ASN A 179 10.73 15.75 4.25
N ARG A 180 9.57 15.39 3.69
CA ARG A 180 8.27 15.88 4.13
C ARG A 180 7.60 15.02 5.22
N GLY A 181 8.09 13.79 5.38
CA GLY A 181 7.54 12.80 6.29
C GLY A 181 6.14 12.39 5.86
N GLU A 182 5.87 12.45 4.56
CA GLU A 182 4.57 12.06 4.01
C GLU A 182 4.69 10.74 3.30
N LEU A 183 3.70 9.89 3.57
CA LEU A 183 3.56 8.56 2.96
C LEU A 183 2.62 8.59 1.76
N LYS A 184 2.92 7.74 0.77
CA LYS A 184 2.14 7.61 -0.47
C LYS A 184 1.90 6.13 -0.76
N LEU A 185 0.62 5.80 -0.90
CA LEU A 185 0.21 4.52 -1.28
C LEU A 185 0.37 4.38 -2.77
N ILE A 186 1.05 3.29 -3.16
CA ILE A 186 1.33 2.96 -4.53
C ILE A 186 0.79 1.58 -4.86
N ASP A 187 0.93 1.22 -6.13
CA ASP A 187 0.64 -0.11 -6.67
C ASP A 187 -0.84 -0.53 -6.62
N PHE A 188 -1.61 0.00 -7.57
CA PHE A 188 -3.03 -0.32 -7.73
C PHE A 188 -3.30 -1.47 -8.73
N GLY A 189 -2.29 -2.29 -8.98
CA GLY A 189 -2.36 -3.37 -9.93
C GLY A 189 -3.16 -4.57 -9.51
N SER A 190 -3.55 -4.68 -8.24
CA SER A 190 -4.41 -5.75 -7.74
C SER A 190 -5.77 -5.21 -7.31
N GLY A 191 -6.03 -3.93 -7.59
CA GLY A 191 -7.23 -3.25 -7.10
C GLY A 191 -8.50 -3.58 -7.85
N ALA A 192 -9.62 -3.09 -7.33
CA ALA A 192 -10.95 -3.23 -7.94
C ALA A 192 -11.73 -1.99 -7.61
N LEU A 193 -12.77 -1.75 -8.39
CA LEU A 193 -13.86 -0.87 -7.97
C LEU A 193 -14.40 -1.40 -6.64
N LEU A 194 -14.64 -0.49 -5.70
CA LEU A 194 -15.24 -0.85 -4.42
C LEU A 194 -16.72 -1.20 -4.60
N LYS A 195 -17.16 -2.29 -3.97
CA LYS A 195 -18.56 -2.74 -3.97
C LYS A 195 -18.88 -3.29 -2.61
N ASP A 196 -20.17 -3.55 -2.35
CA ASP A 196 -20.68 -3.96 -1.04
C ASP A 196 -20.96 -5.44 -0.92
N THR A 197 -20.75 -6.14 -2.03
CA THR A 197 -20.92 -7.57 -2.14
C THR A 197 -19.55 -8.26 -2.12
N VAL A 198 -19.57 -9.60 -2.16
CA VAL A 198 -18.35 -10.38 -1.88
C VAL A 198 -17.42 -10.34 -3.10
N TYR A 199 -16.12 -10.28 -2.85
CA TYR A 199 -15.14 -10.59 -3.89
C TYR A 199 -14.80 -12.09 -3.79
N THR A 200 -14.67 -12.73 -4.94
CA THR A 200 -14.30 -14.15 -5.06
C THR A 200 -13.01 -14.32 -5.85
N ASP A 201 -12.41 -13.20 -6.27
CA ASP A 201 -11.11 -13.12 -6.93
C ASP A 201 -10.16 -12.36 -6.03
N PHE A 202 -8.86 -12.72 -6.05
CA PHE A 202 -7.81 -11.98 -5.32
C PHE A 202 -6.44 -12.29 -5.89
N ASP A 203 -5.66 -11.25 -6.18
CA ASP A 203 -4.30 -11.40 -6.70
C ASP A 203 -3.33 -10.48 -5.98
N GLY A 204 -3.65 -10.03 -4.76
CA GLY A 204 -2.71 -9.30 -3.96
C GLY A 204 -1.77 -10.25 -3.25
N THR A 205 -1.25 -9.80 -2.11
CA THR A 205 -0.21 -10.51 -1.38
C THR A 205 -0.84 -11.42 -0.33
N ARG A 206 -0.54 -12.72 -0.42
CA ARG A 206 -1.23 -13.72 0.37
C ARG A 206 -1.05 -13.56 1.87
N VAL A 207 0.16 -13.19 2.31
CA VAL A 207 0.45 -13.03 3.74
C VAL A 207 -0.24 -11.83 4.34
N TYR A 208 -0.80 -10.95 3.50
CA TYR A 208 -1.58 -9.82 3.98
C TYR A 208 -3.09 -10.08 3.76
N SER A 209 -3.43 -11.24 3.19
CA SER A 209 -4.80 -11.62 2.86
C SER A 209 -5.50 -12.24 4.11
N PRO A 210 -6.82 -12.09 4.19
CA PRO A 210 -7.50 -12.46 5.36
C PRO A 210 -7.88 -13.93 5.41
N PRO A 211 -8.20 -14.44 6.62
CA PRO A 211 -8.53 -15.85 6.82
C PRO A 211 -9.72 -16.36 6.02
N GLU A 212 -10.71 -15.50 5.80
CA GLU A 212 -11.90 -15.88 4.99
C GLU A 212 -11.52 -16.07 3.51
N TRP A 213 -10.49 -15.37 3.04
CA TRP A 213 -9.94 -15.64 1.70
C TRP A 213 -9.21 -17.01 1.66
N ILE A 214 -8.29 -17.24 2.59
CA ILE A 214 -7.61 -18.53 2.74
C ILE A 214 -8.61 -19.67 2.86
N ARG A 215 -9.60 -19.56 3.75
CA ARG A 215 -10.56 -20.65 3.95
C ARG A 215 -11.59 -20.79 2.85
N TYR A 216 -12.18 -19.67 2.41
CA TYR A 216 -13.38 -19.75 1.57
C TYR A 216 -13.27 -19.10 0.19
N HIS A 217 -12.12 -18.55 -0.13
CA HIS A 217 -11.95 -17.74 -1.34
C HIS A 217 -13.04 -16.68 -1.49
N ARG A 218 -13.37 -16.04 -0.38
CA ARG A 218 -14.39 -15.00 -0.36
C ARG A 218 -14.03 -13.97 0.70
N TYR A 219 -14.26 -12.70 0.36
CA TYR A 219 -14.10 -11.61 1.30
C TYR A 219 -14.92 -10.38 0.87
N HIS A 220 -15.20 -9.54 1.84
CA HIS A 220 -15.72 -8.23 1.59
C HIS A 220 -14.55 -7.27 1.66
N GLY A 221 -14.68 -6.21 0.88
CA GLY A 221 -13.58 -5.28 0.64
C GLY A 221 -13.06 -4.56 1.85
N ARG A 222 -13.95 -3.93 2.62
CA ARG A 222 -13.54 -3.12 3.73
C ARG A 222 -12.88 -3.95 4.85
N SER A 223 -13.52 -5.04 5.26
CA SER A 223 -13.02 -5.89 6.34
C SER A 223 -11.68 -6.59 5.99
N ALA A 224 -11.53 -6.93 4.72
CA ALA A 224 -10.28 -7.46 4.19
C ALA A 224 -9.16 -6.38 4.21
N ALA A 225 -9.54 -5.13 3.90
CA ALA A 225 -8.59 -4.02 3.97
C ALA A 225 -8.10 -3.81 5.42
N VAL A 226 -9.01 -3.91 6.38
CA VAL A 226 -8.66 -3.76 7.80
C VAL A 226 -7.71 -4.87 8.30
N TRP A 227 -7.96 -6.11 7.92
CA TRP A 227 -7.02 -7.20 8.17
C TRP A 227 -5.61 -6.85 7.64
N SER A 228 -5.51 -6.44 6.37
CA SER A 228 -4.20 -6.05 5.79
C SER A 228 -3.54 -4.92 6.59
N LEU A 229 -4.35 -4.00 7.12
CA LEU A 229 -3.88 -2.94 7.99
C LEU A 229 -3.35 -3.43 9.34
N GLY A 230 -4.00 -4.46 9.93
CA GLY A 230 -3.51 -5.13 11.11
C GLY A 230 -2.13 -5.74 10.92
N ILE A 231 -1.94 -6.43 9.81
CA ILE A 231 -0.66 -7.03 9.40
C ILE A 231 0.38 -5.92 9.28
N LEU A 232 0.00 -4.83 8.61
CA LEU A 232 0.89 -3.73 8.45
C LEU A 232 1.32 -3.06 9.77
N LEU A 233 0.37 -2.81 10.67
CA LEU A 233 0.69 -2.21 11.96
C LEU A 233 1.63 -3.13 12.77
N TYR A 234 1.35 -4.43 12.79
CA TYR A 234 2.23 -5.42 13.45
C TYR A 234 3.63 -5.35 12.84
N ASP A 235 3.70 -5.35 11.52
CA ASP A 235 4.95 -5.22 10.77
C ASP A 235 5.76 -4.00 11.27
N MET A 236 5.10 -2.88 11.40
CA MET A 236 5.74 -1.65 11.83
C MET A 236 6.29 -1.72 13.26
N VAL A 237 5.50 -2.19 14.20
CA VAL A 237 5.93 -2.21 15.62
C VAL A 237 6.78 -3.43 16.04
N CYS A 238 6.82 -4.47 15.21
CA CYS A 238 7.58 -5.70 15.51
C CYS A 238 8.75 -5.93 14.58
N GLY A 239 8.75 -5.27 13.43
CA GLY A 239 9.85 -5.34 12.47
C GLY A 239 9.69 -6.41 11.39
N ASP A 240 8.65 -7.22 11.48
CA ASP A 240 8.22 -8.08 10.37
C ASP A 240 6.76 -8.43 10.58
N ILE A 241 6.18 -9.01 9.55
CA ILE A 241 4.79 -9.42 9.55
C ILE A 241 4.55 -10.64 10.50
N PRO A 242 3.29 -10.81 11.00
CA PRO A 242 3.10 -11.86 12.01
C PRO A 242 3.10 -13.24 11.42
N PHE A 243 2.63 -13.37 10.17
CA PHE A 243 2.29 -14.67 9.60
C PHE A 243 2.98 -14.87 8.26
N GLU A 244 3.46 -16.08 8.07
CA GLU A 244 4.03 -16.55 6.80
C GLU A 244 3.17 -17.64 6.20
N HIS A 245 2.51 -18.44 7.03
CA HIS A 245 1.83 -19.64 6.58
C HIS A 245 0.30 -19.55 6.74
N ASP A 246 -0.41 -20.20 5.81
CA ASP A 246 -1.87 -20.29 5.82
C ASP A 246 -2.44 -20.66 7.20
N GLU A 247 -1.80 -21.62 7.87
CA GLU A 247 -2.24 -22.10 9.18
C GLU A 247 -2.12 -21.03 10.24
N GLU A 248 -1.09 -20.20 10.14
CA GLU A 248 -0.92 -19.06 11.04
C GLU A 248 -2.01 -18.02 10.82
N ILE A 249 -2.28 -17.72 9.54
CA ILE A 249 -3.30 -16.72 9.15
C ILE A 249 -4.68 -17.10 9.71
N ILE A 250 -5.06 -18.35 9.56
CA ILE A 250 -6.36 -18.80 10.06
C ILE A 250 -6.38 -19.15 11.56
N GLY A 251 -5.22 -19.31 12.17
CA GLY A 251 -5.15 -19.76 13.55
C GLY A 251 -5.70 -18.82 14.64
N GLY A 252 -5.71 -17.54 14.38
CA GLY A 252 -6.25 -16.60 15.38
C GLY A 252 -5.39 -16.27 16.60
N GLN A 253 -4.07 -16.59 16.55
CA GLN A 253 -3.12 -16.19 17.60
C GLN A 253 -2.13 -15.15 17.08
N VAL A 254 -2.02 -14.04 17.79
CA VAL A 254 -1.05 -13.00 17.46
C VAL A 254 0.00 -12.96 18.60
N PHE A 255 1.16 -13.55 18.36
CA PHE A 255 2.28 -13.52 19.29
C PHE A 255 3.11 -12.28 18.95
N PHE A 256 3.42 -11.49 19.97
CA PHE A 256 4.27 -10.31 19.83
C PHE A 256 5.72 -10.62 20.19
N ARG A 257 6.58 -10.40 19.20
CA ARG A 257 8.00 -10.70 19.26
C ARG A 257 8.82 -9.52 19.84
N GLN A 258 8.24 -8.32 19.85
CA GLN A 258 8.80 -7.10 20.44
C GLN A 258 7.91 -6.62 21.58
N ARG A 259 8.49 -5.81 22.47
CA ARG A 259 7.72 -5.06 23.47
C ARG A 259 6.83 -4.08 22.72
N VAL A 260 5.53 -4.27 22.79
CA VAL A 260 4.53 -3.38 22.21
C VAL A 260 3.52 -3.06 23.33
N SER A 261 3.10 -1.79 23.42
CA SER A 261 2.14 -1.33 24.41
C SER A 261 0.85 -2.13 24.31
N SER A 262 0.17 -2.26 25.45
CA SER A 262 -1.10 -2.95 25.52
C SER A 262 -2.15 -2.36 24.57
N GLU A 263 -2.15 -1.03 24.46
CA GLU A 263 -3.12 -0.33 23.62
C GLU A 263 -2.88 -0.64 22.15
N CYS A 264 -1.60 -0.67 21.76
CA CYS A 264 -1.23 -1.01 20.38
C CYS A 264 -1.51 -2.49 20.05
N GLN A 265 -1.15 -3.39 20.95
CA GLN A 265 -1.53 -4.80 20.76
C GLN A 265 -3.05 -5.01 20.61
N HIS A 266 -3.82 -4.27 21.39
CA HIS A 266 -5.28 -4.34 21.32
C HIS A 266 -5.81 -3.98 19.94
N LEU A 267 -5.36 -2.84 19.44
CA LEU A 267 -5.72 -2.37 18.11
C LEU A 267 -5.37 -3.43 17.06
N ILE A 268 -4.16 -3.94 17.14
CA ILE A 268 -3.70 -4.91 16.16
C ILE A 268 -4.63 -6.12 16.17
N ARG A 269 -4.90 -6.61 17.37
CA ARG A 269 -5.64 -7.86 17.52
C ARG A 269 -7.09 -7.65 17.11
N TRP A 270 -7.57 -6.41 17.23
CA TRP A 270 -8.94 -6.07 16.80
C TRP A 270 -9.00 -6.07 15.26
N CYS A 271 -8.02 -5.46 14.62
CA CYS A 271 -7.88 -5.51 13.13
C CYS A 271 -7.73 -6.93 12.57
N LEU A 272 -7.10 -7.78 13.39
CA LEU A 272 -6.88 -9.17 13.03
C LEU A 272 -7.89 -10.13 13.66
N ALA A 273 -9.08 -9.63 14.00
CA ALA A 273 -10.16 -10.52 14.42
C ALA A 273 -10.46 -11.55 13.32
N LEU A 274 -10.60 -12.82 13.71
CA LEU A 274 -10.89 -13.86 12.74
C LEU A 274 -12.23 -13.63 12.04
N ARG A 275 -13.28 -13.24 12.78
CA ARG A 275 -14.58 -12.92 12.15
C ARG A 275 -14.52 -11.51 11.52
N PRO A 276 -14.71 -11.42 10.20
CA PRO A 276 -14.66 -10.11 9.52
C PRO A 276 -15.50 -9.01 10.18
N SER A 277 -16.70 -9.37 10.65
CA SER A 277 -17.58 -8.42 11.33
C SER A 277 -17.11 -8.04 12.75
N ASP A 278 -16.19 -8.78 13.34
CA ASP A 278 -15.55 -8.33 14.58
C ASP A 278 -14.47 -7.25 14.42
N ARG A 279 -14.01 -6.99 13.18
CA ARG A 279 -12.93 -6.04 12.90
C ARG A 279 -13.48 -4.61 12.98
N PRO A 280 -12.66 -3.64 13.37
CA PRO A 280 -13.14 -2.27 13.42
C PRO A 280 -13.38 -1.64 12.05
N THR A 281 -14.23 -0.64 12.03
CA THR A 281 -14.28 0.30 10.88
C THR A 281 -13.02 1.24 10.89
N PHE A 282 -12.82 2.00 9.81
CA PHE A 282 -11.76 3.01 9.78
C PHE A 282 -11.97 4.04 10.85
N GLU A 283 -13.21 4.46 11.06
CA GLU A 283 -13.55 5.34 12.14
C GLU A 283 -13.19 4.80 13.51
N GLU A 284 -13.51 3.53 13.78
CA GLU A 284 -13.11 2.89 15.05
C GLU A 284 -11.60 2.82 15.24
N ILE A 285 -10.86 2.56 14.17
CA ILE A 285 -9.43 2.51 14.22
C ILE A 285 -8.91 3.90 14.57
N GLN A 286 -9.37 4.93 13.87
CA GLN A 286 -8.83 6.28 14.09
C GLN A 286 -9.26 6.93 15.41
N ASN A 287 -10.36 6.40 15.99
CA ASN A 287 -10.82 6.78 17.32
C ASN A 287 -10.23 5.94 18.44
N HIS A 288 -9.48 4.91 18.10
CA HIS A 288 -8.83 4.08 19.10
C HIS A 288 -7.84 4.90 19.98
N PRO A 289 -7.79 4.60 21.28
CA PRO A 289 -6.87 5.34 22.12
C PRO A 289 -5.41 5.37 21.66
N TRP A 290 -4.90 4.26 21.09
CA TRP A 290 -3.52 4.22 20.61
C TRP A 290 -3.24 5.24 19.49
N MET A 291 -4.29 5.64 18.78
CA MET A 291 -4.19 6.53 17.61
C MET A 291 -4.26 8.02 17.95
N GLN A 292 -4.39 8.34 19.22
CA GLN A 292 -4.56 9.72 19.62
C GLN A 292 -3.22 10.47 19.60
N ASP A 293 -3.31 11.78 19.36
CA ASP A 293 -2.15 12.69 19.42
C ASP A 293 -1.08 12.34 18.38
N VAL A 294 -1.52 12.10 17.15
CA VAL A 294 -0.62 11.80 16.05
C VAL A 294 0.28 13.01 15.77
N LEU A 295 1.54 12.71 15.46
CA LEU A 295 2.46 13.71 14.89
C LEU A 295 1.97 14.20 13.53
N LEU A 296 2.21 15.46 13.24
CA LEU A 296 2.12 15.98 11.87
C LEU A 296 3.23 15.40 11.01
N PRO A 297 3.02 15.33 9.69
CA PRO A 297 4.10 14.81 8.81
C PRO A 297 5.43 15.58 8.94
N GLN A 298 5.36 16.90 9.11
CA GLN A 298 6.59 17.66 9.16
C GLN A 298 7.32 17.36 10.49
N GLU A 299 6.57 17.22 11.59
CA GLU A 299 7.17 16.80 12.90
C GLU A 299 7.79 15.41 12.79
N THR A 300 7.12 14.54 12.06
CA THR A 300 7.58 13.16 11.85
C THR A 300 8.94 13.16 11.15
N ALA A 301 9.08 13.95 10.07
CA ALA A 301 10.37 14.11 9.38
C ALA A 301 11.45 14.64 10.33
N GLU A 302 11.11 15.71 11.06
CA GLU A 302 12.07 16.35 11.93
C GLU A 302 12.60 15.42 13.04
N ILE A 303 11.69 14.73 13.71
CA ILE A 303 12.04 13.87 14.83
C ILE A 303 12.65 12.56 14.34
N HIS A 304 12.08 11.96 13.31
CA HIS A 304 12.45 10.57 13.00
C HIS A 304 13.21 10.38 11.70
N LEU A 305 13.17 11.32 10.75
CA LEU A 305 13.64 11.00 9.39
C LEU A 305 14.90 11.75 8.98
N HIS A 306 15.05 12.99 9.46
CA HIS A 306 16.13 13.85 9.00
C HIS A 306 17.39 13.40 9.72
N SER A 307 18.45 13.11 8.94
CA SER A 307 19.64 12.40 9.48
C SER A 307 20.90 12.68 8.64
N ALA B 1 18.57 -12.99 13.06
CA ALA B 1 18.57 -14.45 12.73
C ALA B 1 17.38 -14.85 11.85
N ARG B 2 16.19 -14.32 12.15
CA ARG B 2 14.97 -14.67 11.40
C ARG B 2 14.87 -13.86 10.10
N LYS B 3 14.47 -14.51 9.01
CA LYS B 3 14.58 -13.92 7.67
C LYS B 3 13.33 -13.15 7.24
N ARG B 4 13.52 -11.89 6.93
CA ARG B 4 12.45 -11.03 6.48
C ARG B 4 12.59 -10.98 5.00
N ARG B 5 11.45 -11.18 4.32
CA ARG B 5 11.39 -11.19 2.85
C ARG B 5 10.22 -10.39 2.32
N ARG B 6 10.37 -9.90 1.11
CA ARG B 6 9.30 -9.35 0.35
C ARG B 6 8.45 -10.55 -0.04
N HIS B 7 7.19 -10.28 -0.41
CA HIS B 7 6.30 -11.33 -0.85
C HIS B 7 5.62 -10.88 -2.15
N PRO B 8 5.56 -11.77 -3.15
CA PRO B 8 5.02 -11.42 -4.46
C PRO B 8 3.52 -11.18 -4.42
N SER B 9 3.09 -10.15 -5.12
CA SER B 9 1.68 -9.78 -5.24
C SER B 9 1.05 -10.61 -6.34
N GLY B 10 0.74 -11.87 -6.03
CA GLY B 10 -0.11 -12.68 -6.89
C GLY B 10 -0.50 -13.98 -6.20
#